data_3DCG
#
_entry.id   3DCG
#
_cell.length_a   55.514
_cell.length_b   66.913
_cell.length_c   122.642
_cell.angle_alpha   90.00
_cell.angle_beta   90.00
_cell.angle_gamma   90.00
#
_symmetry.space_group_name_H-M   'P 21 21 21'
#
loop_
_entity.id
_entity.type
_entity.pdbx_description
1 polymer 'Transcription elongation factor B polypeptide 2'
2 polymer 'Transcription elongation factor B polypeptide 1'
3 polymer 'Virion infectivity factor'
4 water water
#
loop_
_entity_poly.entity_id
_entity_poly.type
_entity_poly.pdbx_seq_one_letter_code
_entity_poly.pdbx_strand_id
1 'polypeptide(L)'
;MDVFLMIRRHKTTIFTDAKESSTVFELKRIVEGILKRPPDEQRLYKDDQLLDDGKTLGECGFTSQTARPQAPATVGLAFR
ADDTFEALCIEPFSSPPELPDVMKPQDSGSSANEQAVQ
;
A,C
2 'polypeptide(L)'
;MMYVKLISSDGHEFIVKREHALTSGTIKAMLSGPGQFAENETNEVNFREIPSHVLSKVCMYFTYKVRYTNSSTEIPEFPI
APEIALELLMAANFLDC
;
B,D
3 'polypeptide(L)' SHNKVGSLQYLALAALIKPKQIKPPLPSVRKLTEDRWNK E,F
#
# COMPACT_ATOMS: atom_id res chain seq x y z
N MET A 1 -8.32 -16.31 9.37
CA MET A 1 -9.31 -15.20 9.45
C MET A 1 -9.42 -14.48 8.10
N ASP A 2 -10.54 -13.80 7.89
CA ASP A 2 -10.79 -13.16 6.60
C ASP A 2 -10.00 -11.86 6.44
N VAL A 3 -9.54 -11.61 5.23
CA VAL A 3 -8.87 -10.37 4.91
C VAL A 3 -9.69 -9.62 3.83
N PHE A 4 -9.67 -8.30 3.89
CA PHE A 4 -10.50 -7.50 2.99
C PHE A 4 -9.58 -6.62 2.16
N LEU A 5 -9.88 -6.58 0.86
CA LEU A 5 -8.93 -6.09 -0.11
C LEU A 5 -9.58 -5.19 -1.15
N MET A 6 -8.84 -4.15 -1.56
CA MET A 6 -9.18 -3.38 -2.73
C MET A 6 -8.17 -3.81 -3.79
N ILE A 7 -8.61 -4.52 -4.81
CA ILE A 7 -7.74 -4.83 -5.94
C ILE A 7 -7.83 -3.69 -6.94
N ARG A 8 -6.71 -3.04 -7.21
CA ARG A 8 -6.74 -1.78 -7.96
C ARG A 8 -5.87 -1.82 -9.20
N ARG A 9 -6.50 -1.51 -10.33
CA ARG A 9 -5.81 -1.20 -11.58
C ARG A 9 -6.46 0.02 -12.23
N HIS A 10 -5.63 0.99 -12.58
CA HIS A 10 -6.05 2.27 -13.16
C HIS A 10 -7.22 2.90 -12.38
N LYS A 11 -8.40 2.97 -12.98
CA LYS A 11 -9.59 3.53 -12.30
C LYS A 11 -10.63 2.47 -11.90
N THR A 12 -10.16 1.24 -11.70
CA THR A 12 -11.01 0.10 -11.31
C THR A 12 -10.58 -0.43 -9.95
N THR A 13 -11.53 -0.53 -9.02
CA THR A 13 -11.31 -1.10 -7.70
C THR A 13 -12.28 -2.25 -7.48
N ILE A 14 -11.74 -3.42 -7.16
CA ILE A 14 -12.54 -4.57 -6.80
C ILE A 14 -12.49 -4.72 -5.28
N PHE A 15 -13.65 -4.54 -4.62
CA PHE A 15 -13.76 -4.81 -3.20
C PHE A 15 -14.10 -6.28 -3.04
N THR A 16 -13.16 -7.01 -2.46
CA THR A 16 -13.32 -8.44 -2.26
C THR A 16 -12.69 -8.90 -0.95
N ASP A 17 -12.94 -10.15 -0.58
CA ASP A 17 -12.39 -10.72 0.64
C ASP A 17 -11.88 -12.13 0.36
N ALA A 18 -10.93 -12.57 1.20
CA ALA A 18 -10.34 -13.88 1.08
C ALA A 18 -9.93 -14.32 2.48
N LYS A 19 -9.26 -15.45 2.59
CA LYS A 19 -8.72 -15.87 3.87
C LYS A 19 -7.22 -15.56 3.90
N GLU A 20 -6.68 -15.36 5.09
CA GLU A 20 -5.23 -15.29 5.32
C GLU A 20 -4.50 -16.52 4.75
N SER A 21 -5.19 -17.66 4.78
CA SER A 21 -4.69 -18.92 4.24
C SER A 21 -4.89 -19.07 2.73
N SER A 22 -5.58 -18.13 2.11
CA SER A 22 -5.70 -18.12 0.65
C SER A 22 -4.34 -17.86 0.03
N THR A 23 -4.04 -18.59 -1.03
CA THR A 23 -2.85 -18.32 -1.81
C THR A 23 -3.12 -17.09 -2.69
N VAL A 24 -2.04 -16.42 -3.11
CA VAL A 24 -2.09 -15.37 -4.11
C VAL A 24 -2.76 -15.86 -5.40
N PHE A 25 -2.54 -17.12 -5.76
CA PHE A 25 -3.16 -17.72 -6.94
C PHE A 25 -4.70 -17.69 -6.87
N GLU A 26 -5.24 -18.03 -5.71
CA GLU A 26 -6.69 -17.98 -5.46
C GLU A 26 -7.28 -16.59 -5.64
N LEU A 27 -6.52 -15.56 -5.25
CA LEU A 27 -6.91 -14.17 -5.51
C LEU A 27 -7.00 -13.86 -6.99
N LYS A 28 -6.03 -14.38 -7.75
CA LYS A 28 -5.99 -14.18 -9.18
C LYS A 28 -7.18 -14.82 -9.87
N ARG A 29 -7.70 -15.90 -9.29
CA ARG A 29 -8.88 -16.57 -9.77
C ARG A 29 -10.13 -15.70 -9.58
N ILE A 30 -10.28 -15.12 -8.39
CA ILE A 30 -11.31 -14.11 -8.14
C ILE A 30 -11.30 -13.02 -9.21
N VAL A 31 -10.12 -12.48 -9.48
CA VAL A 31 -9.92 -11.46 -10.51
C VAL A 31 -10.26 -11.95 -11.92
N GLU A 32 -9.88 -13.20 -12.22
CA GLU A 32 -10.26 -13.86 -13.47
C GLU A 32 -11.78 -13.95 -13.62
N GLY A 33 -12.46 -14.25 -12.52
CA GLY A 33 -13.91 -14.31 -12.51
C GLY A 33 -14.59 -12.98 -12.80
N ILE A 34 -13.95 -11.89 -12.38
CA ILE A 34 -14.50 -10.55 -12.57
C ILE A 34 -14.02 -9.90 -13.87
N LEU A 35 -12.70 -9.94 -14.12
CA LEU A 35 -12.13 -9.21 -15.26
C LEU A 35 -11.78 -10.06 -16.49
N LYS A 36 -12.01 -11.37 -16.39
CA LYS A 36 -11.87 -12.31 -17.51
C LYS A 36 -10.44 -12.39 -18.10
N ARG A 37 -9.45 -12.29 -17.21
CA ARG A 37 -8.05 -12.50 -17.55
C ARG A 37 -7.47 -13.53 -16.58
N PRO A 38 -6.93 -14.65 -17.11
CA PRO A 38 -6.46 -15.75 -16.28
C PRO A 38 -5.23 -15.38 -15.42
N PRO A 39 -4.92 -16.18 -14.37
CA PRO A 39 -3.84 -15.89 -13.42
C PRO A 39 -2.47 -15.62 -14.06
N ASP A 40 -2.12 -16.34 -15.11
CA ASP A 40 -0.84 -16.16 -15.78
C ASP A 40 -0.78 -14.86 -16.61
N GLU A 41 -1.90 -14.17 -16.73
CA GLU A 41 -1.92 -12.86 -17.39
C GLU A 41 -1.94 -11.70 -16.37
N GLN A 42 -1.74 -12.03 -15.10
CA GLN A 42 -1.81 -11.05 -14.01
C GLN A 42 -0.53 -11.07 -13.19
N ARG A 43 -0.12 -9.89 -12.74
CA ARG A 43 0.85 -9.79 -11.67
C ARG A 43 0.12 -9.06 -10.56
N LEU A 44 0.32 -9.51 -9.33
CA LEU A 44 -0.19 -8.75 -8.18
C LEU A 44 0.97 -8.19 -7.35
N TYR A 45 0.79 -6.98 -6.85
CA TYR A 45 1.79 -6.27 -6.05
C TYR A 45 1.22 -5.81 -4.72
N LYS A 46 2.07 -5.85 -3.68
CA LYS A 46 1.82 -5.09 -2.47
C LYS A 46 3.06 -4.26 -2.18
N ASP A 47 2.84 -2.97 -1.89
CA ASP A 47 3.91 -2.04 -1.57
C ASP A 47 5.04 -2.09 -2.61
N ASP A 48 4.64 -2.09 -3.89
CA ASP A 48 5.53 -2.14 -5.06
C ASP A 48 6.39 -3.41 -5.15
N GLN A 49 5.96 -4.45 -4.44
CA GLN A 49 6.68 -5.73 -4.40
C GLN A 49 5.80 -6.84 -4.98
N LEU A 50 6.38 -7.58 -5.91
CA LEU A 50 5.65 -8.60 -6.65
C LEU A 50 5.26 -9.72 -5.69
N LEU A 51 4.01 -10.18 -5.80
CA LEU A 51 3.51 -11.28 -4.99
C LEU A 51 3.64 -12.65 -5.66
N ASP A 52 4.22 -13.58 -4.92
CA ASP A 52 4.42 -14.97 -5.30
C ASP A 52 3.09 -15.75 -5.27
N ASP A 53 2.77 -16.41 -6.38
CA ASP A 53 1.52 -17.17 -6.56
C ASP A 53 1.26 -18.23 -5.49
N GLY A 54 2.33 -18.87 -5.04
CA GLY A 54 2.25 -19.96 -4.06
C GLY A 54 2.21 -19.54 -2.60
N LYS A 55 2.35 -18.26 -2.31
CA LYS A 55 2.31 -17.76 -0.94
C LYS A 55 0.88 -17.48 -0.49
N THR A 56 0.62 -17.73 0.79
CA THR A 56 -0.63 -17.30 1.40
C THR A 56 -0.68 -15.76 1.51
N LEU A 57 -1.87 -15.21 1.62
CA LEU A 57 -2.05 -13.78 1.77
C LEU A 57 -1.42 -13.28 3.07
N GLY A 58 -1.53 -14.10 4.12
CA GLY A 58 -0.95 -13.78 5.42
C GLY A 58 0.57 -13.68 5.39
N GLU A 59 1.21 -14.61 4.67
CA GLU A 59 2.66 -14.56 4.44
C GLU A 59 3.04 -13.31 3.66
N CYS A 60 2.12 -12.80 2.84
CA CYS A 60 2.34 -11.58 2.08
C CYS A 60 2.07 -10.30 2.86
N GLY A 61 1.60 -10.42 4.11
CA GLY A 61 1.34 -9.26 4.93
C GLY A 61 -0.11 -8.82 5.04
N PHE A 62 -1.03 -9.59 4.47
CA PHE A 62 -2.47 -9.37 4.62
C PHE A 62 -3.03 -10.20 5.78
N THR A 63 -3.24 -9.50 6.91
CA THR A 63 -3.76 -10.11 8.12
C THR A 63 -5.08 -9.43 8.53
N SER A 64 -5.74 -9.98 9.54
CA SER A 64 -6.97 -9.37 10.07
C SER A 64 -6.79 -7.95 10.62
N GLN A 65 -5.60 -7.66 11.13
CA GLN A 65 -5.27 -6.33 11.68
C GLN A 65 -4.88 -5.33 10.59
N THR A 66 -4.51 -5.86 9.44
CA THR A 66 -3.89 -5.12 8.37
C THR A 66 -4.89 -4.89 7.22
N ALA A 67 -5.86 -5.79 7.10
CA ALA A 67 -6.77 -5.77 5.96
C ALA A 67 -8.20 -5.92 6.46
N ARG A 68 -8.74 -4.84 7.01
CA ARG A 68 -10.03 -4.83 7.72
C ARG A 68 -11.19 -4.30 6.85
N PRO A 69 -12.44 -4.69 7.15
CA PRO A 69 -13.56 -4.18 6.36
C PRO A 69 -13.67 -2.64 6.33
N GLN A 70 -13.45 -1.99 7.47
CA GLN A 70 -13.41 -0.52 7.59
C GLN A 70 -12.25 0.08 6.84
N ALA A 71 -11.18 -0.69 6.66
CA ALA A 71 -9.90 -0.18 6.20
C ALA A 71 -9.16 -1.24 5.40
N PRO A 72 -9.65 -1.55 4.18
CA PRO A 72 -9.07 -2.69 3.47
C PRO A 72 -7.66 -2.40 2.98
N ALA A 73 -6.90 -3.45 2.67
CA ALA A 73 -5.56 -3.29 2.12
C ALA A 73 -5.66 -3.25 0.60
N THR A 74 -4.78 -2.48 -0.03
CA THR A 74 -4.72 -2.43 -1.48
C THR A 74 -3.83 -3.55 -2.04
N VAL A 75 -4.29 -4.15 -3.13
CA VAL A 75 -3.46 -5.02 -3.95
C VAL A 75 -3.40 -4.31 -5.30
N GLY A 76 -2.19 -4.09 -5.82
CA GLY A 76 -2.04 -3.54 -7.16
C GLY A 76 -2.11 -4.64 -8.22
N LEU A 77 -2.69 -4.32 -9.36
CA LEU A 77 -2.90 -5.30 -10.41
C LEU A 77 -2.35 -4.80 -11.74
N ALA A 78 -1.49 -5.62 -12.34
CA ALA A 78 -0.91 -5.34 -13.65
C ALA A 78 -1.25 -6.47 -14.60
N PHE A 79 -1.68 -6.13 -15.80
CA PHE A 79 -2.06 -7.11 -16.79
C PHE A 79 -0.96 -7.29 -17.83
N ARG A 80 -0.94 -8.47 -18.43
CA ARG A 80 -0.09 -8.74 -19.57
C ARG A 80 -0.77 -8.09 -20.78
N ALA A 81 -0.05 -7.22 -21.48
CA ALA A 81 -0.60 -6.44 -22.58
C ALA A 81 -0.68 -7.23 -23.89
N ASP A 83 1.70 -9.99 -24.29
CA ASP A 83 3.13 -10.30 -24.41
C ASP A 83 3.91 -9.79 -23.19
N THR A 84 3.82 -8.48 -22.93
CA THR A 84 4.61 -7.82 -21.89
C THR A 84 3.70 -7.27 -20.80
N PHE A 85 4.15 -7.39 -19.56
CA PHE A 85 3.44 -6.77 -18.45
C PHE A 85 3.68 -5.28 -18.42
N GLU A 86 2.59 -4.53 -18.30
CA GLU A 86 2.64 -3.10 -18.02
C GLU A 86 3.22 -2.89 -16.62
N ALA A 87 3.79 -1.72 -16.37
CA ALA A 87 4.14 -1.32 -15.02
C ALA A 87 2.83 -1.04 -14.25
N LEU A 88 2.88 -1.17 -12.93
CA LEU A 88 1.70 -0.95 -12.11
C LEU A 88 1.11 0.43 -12.37
N CYS A 89 -0.10 0.46 -12.92
CA CYS A 89 -0.83 1.72 -13.06
C CYS A 89 -2.06 1.75 -12.16
N ILE A 90 -2.00 2.59 -11.12
CA ILE A 90 -3.14 2.81 -10.25
C ILE A 90 -3.43 4.31 -10.18
N GLU A 91 -4.68 4.69 -10.43
CA GLU A 91 -5.07 6.10 -10.42
C GLU A 91 -5.55 6.47 -9.01
N PRO A 92 -5.12 7.63 -8.50
CA PRO A 92 -5.56 7.94 -7.14
C PRO A 92 -7.05 8.31 -7.12
N PHE A 93 -7.70 8.10 -5.97
CA PHE A 93 -9.03 8.67 -5.75
C PHE A 93 -8.92 10.20 -5.72
N SER A 94 -10.04 10.88 -5.88
CA SER A 94 -10.07 12.34 -5.76
C SER A 94 -9.61 12.78 -4.36
N SER A 95 -9.00 13.96 -4.30
CA SER A 95 -8.46 14.52 -3.05
C SER A 95 -9.56 15.11 -2.16
N PRO A 96 -9.66 14.62 -0.91
CA PRO A 96 -10.58 15.16 0.10
C PRO A 96 -10.34 16.65 0.35
N PRO A 97 -11.43 17.42 0.59
CA PRO A 97 -11.31 18.86 0.84
C PRO A 97 -10.59 19.14 2.15
N GLU A 98 -10.29 20.41 2.40
CA GLU A 98 -9.69 20.80 3.66
C GLU A 98 -10.70 21.57 4.50
N LEU A 99 -10.48 21.60 5.82
CA LEU A 99 -11.40 22.23 6.77
C LEU A 99 -11.16 23.76 6.90
N PRO A 100 -12.01 24.46 7.68
CA PRO A 100 -11.79 25.89 7.85
C PRO A 100 -10.95 26.20 9.09
N MET B 2 -23.69 -11.60 -8.96
CA MET B 2 -22.88 -11.76 -7.72
C MET B 2 -22.18 -10.46 -7.33
N TYR B 3 -21.65 -9.75 -8.31
CA TYR B 3 -21.00 -8.45 -8.11
C TYR B 3 -21.74 -7.33 -8.86
N VAL B 4 -21.71 -6.12 -8.31
CA VAL B 4 -22.26 -4.94 -8.98
C VAL B 4 -21.18 -3.88 -9.16
N LYS B 5 -21.35 -3.04 -10.18
CA LYS B 5 -20.40 -1.99 -10.47
C LYS B 5 -20.97 -0.60 -10.15
N LEU B 6 -20.32 0.10 -9.23
CA LEU B 6 -20.71 1.46 -8.87
C LEU B 6 -19.69 2.45 -9.40
N ILE B 7 -20.16 3.45 -10.15
CA ILE B 7 -19.30 4.39 -10.84
C ILE B 7 -19.41 5.79 -10.23
N SER B 8 -18.27 6.38 -9.88
CA SER B 8 -18.24 7.71 -9.28
C SER B 8 -18.27 8.81 -10.33
N SER B 9 -18.38 10.05 -9.85
CA SER B 9 -18.48 11.23 -10.72
C SER B 9 -17.18 11.51 -11.46
N ASP B 10 -16.06 11.12 -10.87
CA ASP B 10 -14.76 11.28 -11.52
C ASP B 10 -14.35 10.03 -12.30
N GLY B 11 -15.30 9.11 -12.49
CA GLY B 11 -15.11 7.97 -13.38
C GLY B 11 -14.42 6.73 -12.82
N HIS B 12 -14.39 6.58 -11.50
CA HIS B 12 -13.85 5.37 -10.87
C HIS B 12 -14.96 4.32 -10.83
N GLU B 13 -14.60 3.06 -11.10
CA GLU B 13 -15.52 1.93 -10.98
C GLU B 13 -15.17 1.11 -9.77
N PHE B 14 -16.18 0.83 -8.97
CA PHE B 14 -16.03 0.06 -7.74
C PHE B 14 -16.84 -1.21 -7.88
N ILE B 15 -16.16 -2.35 -7.86
CA ILE B 15 -16.83 -3.63 -8.03
C ILE B 15 -17.02 -4.28 -6.65
N VAL B 16 -18.28 -4.32 -6.23
CA VAL B 16 -18.70 -4.75 -4.89
C VAL B 16 -19.65 -5.94 -5.00
N LYS B 17 -19.65 -6.80 -3.98
CA LYS B 17 -20.62 -7.90 -3.89
C LYS B 17 -22.05 -7.38 -3.81
N ARG B 18 -22.93 -7.96 -4.62
CA ARG B 18 -24.33 -7.55 -4.72
C ARG B 18 -25.02 -7.44 -3.36
N GLU B 19 -24.94 -8.52 -2.57
CA GLU B 19 -25.47 -8.55 -1.19
C GLU B 19 -24.99 -7.42 -0.29
N HIS B 20 -23.73 -7.02 -0.44
CA HIS B 20 -23.18 -5.90 0.35
C HIS B 20 -23.80 -4.58 -0.08
N ALA B 21 -23.87 -4.35 -1.40
CA ALA B 21 -24.45 -3.13 -1.96
C ALA B 21 -25.94 -2.94 -1.62
N LEU B 22 -26.62 -4.03 -1.27
CA LEU B 22 -28.04 -3.97 -0.87
C LEU B 22 -28.24 -3.40 0.53
N THR B 23 -27.13 -3.10 1.21
CA THR B 23 -27.15 -2.32 2.44
C THR B 23 -27.74 -0.94 2.14
N SER B 24 -27.45 -0.41 0.95
CA SER B 24 -28.07 0.83 0.46
C SER B 24 -29.49 0.58 -0.06
N GLY B 25 -30.46 1.27 0.54
CA GLY B 25 -31.87 1.15 0.14
C GLY B 25 -32.11 1.70 -1.26
N THR B 26 -31.40 2.77 -1.58
CA THR B 26 -31.43 3.40 -2.90
C THR B 26 -30.91 2.45 -3.99
N ILE B 27 -29.76 1.83 -3.75
CA ILE B 27 -29.17 0.86 -4.68
C ILE B 27 -30.09 -0.36 -4.83
N LYS B 28 -30.62 -0.85 -3.72
CA LYS B 28 -31.59 -1.96 -3.71
C LYS B 28 -32.85 -1.62 -4.53
N ALA B 29 -33.18 -0.34 -4.62
CA ALA B 29 -34.29 0.12 -5.46
C ALA B 29 -33.92 0.12 -6.93
N MET B 30 -32.65 0.40 -7.25
CA MET B 30 -32.16 0.35 -8.64
C MET B 30 -32.32 -1.07 -9.18
N LEU B 31 -31.77 -2.04 -8.45
CA LEU B 31 -31.81 -3.45 -8.86
C LEU B 31 -32.73 -4.27 -7.98
N THR B 42 -29.16 -2.72 -13.78
CA THR B 42 -28.58 -4.03 -14.10
C THR B 42 -27.51 -4.36 -13.07
N ASN B 43 -26.26 -4.52 -13.51
CA ASN B 43 -25.14 -4.72 -12.61
C ASN B 43 -24.28 -3.47 -12.49
N GLU B 44 -24.82 -2.34 -12.94
CA GLU B 44 -24.06 -1.09 -13.06
C GLU B 44 -24.89 0.12 -12.65
N VAL B 45 -24.39 0.87 -11.67
CA VAL B 45 -25.06 2.09 -11.19
C VAL B 45 -24.09 3.26 -11.23
N ASN B 46 -24.55 4.35 -11.85
CA ASN B 46 -23.75 5.55 -12.07
C ASN B 46 -24.10 6.66 -11.08
N PHE B 47 -23.09 7.21 -10.41
CA PHE B 47 -23.29 8.33 -9.49
C PHE B 47 -22.56 9.58 -9.98
N ARG B 48 -23.33 10.52 -10.54
CA ARG B 48 -22.76 11.75 -11.10
C ARG B 48 -22.40 12.76 -10.02
N GLU B 49 -22.85 12.50 -8.79
CA GLU B 49 -22.68 13.44 -7.68
C GLU B 49 -21.77 12.93 -6.55
N ILE B 50 -21.38 11.66 -6.60
CA ILE B 50 -20.53 11.11 -5.54
C ILE B 50 -19.10 10.88 -6.05
N PRO B 51 -18.11 11.61 -5.49
CA PRO B 51 -16.73 11.43 -5.93
C PRO B 51 -16.07 10.18 -5.34
N SER B 52 -15.01 9.72 -5.99
CA SER B 52 -14.18 8.57 -5.59
C SER B 52 -13.94 8.41 -4.10
N HIS B 53 -13.42 9.45 -3.46
CA HIS B 53 -12.99 9.38 -2.07
C HIS B 53 -14.16 9.20 -1.10
N VAL B 54 -15.37 9.50 -1.58
CA VAL B 54 -16.58 9.25 -0.82
C VAL B 54 -17.14 7.86 -1.13
N LEU B 55 -17.27 7.52 -2.41
CA LEU B 55 -17.81 6.22 -2.82
C LEU B 55 -16.95 5.04 -2.30
N SER B 56 -15.63 5.20 -2.31
CA SER B 56 -14.75 4.21 -1.71
C SER B 56 -15.15 3.93 -0.26
N LYS B 57 -15.32 4.99 0.54
CA LYS B 57 -15.74 4.88 1.95
C LYS B 57 -17.10 4.22 2.11
N VAL B 58 -18.02 4.61 1.22
CA VAL B 58 -19.37 4.03 1.20
C VAL B 58 -19.27 2.50 1.06
N CYS B 59 -18.44 2.04 0.10
CA CYS B 59 -18.21 0.62 -0.13
C CYS B 59 -17.63 -0.09 1.09
N MET B 60 -16.66 0.54 1.74
CA MET B 60 -16.08 -0.01 2.97
C MET B 60 -17.13 -0.13 4.06
N TYR B 61 -18.06 0.81 4.08
CA TYR B 61 -19.16 0.78 5.03
C TYR B 61 -20.06 -0.43 4.82
N PHE B 62 -20.41 -0.73 3.56
CA PHE B 62 -21.22 -1.91 3.21
C PHE B 62 -20.63 -3.19 3.84
N THR B 63 -19.34 -3.42 3.60
CA THR B 63 -18.62 -4.59 4.08
C THR B 63 -18.53 -4.61 5.61
N TYR B 64 -18.21 -3.46 6.18
CA TYR B 64 -18.08 -3.28 7.62
C TYR B 64 -19.41 -3.58 8.30
N LYS B 65 -20.50 -3.09 7.69
CA LYS B 65 -21.83 -3.32 8.25
C LYS B 65 -22.25 -4.78 8.16
N VAL B 66 -22.09 -5.40 7.00
CA VAL B 66 -22.48 -6.80 6.82
C VAL B 66 -21.73 -7.72 7.79
N ARG B 67 -20.46 -7.39 8.02
CA ARG B 67 -19.58 -8.18 8.84
C ARG B 67 -19.85 -8.03 10.33
N TYR B 68 -20.03 -6.80 10.80
CA TYR B 68 -20.14 -6.51 12.24
C TYR B 68 -21.57 -6.34 12.77
N THR B 69 -22.56 -6.37 11.90
CA THR B 69 -23.95 -6.28 12.35
C THR B 69 -24.33 -7.57 13.07
N ASN B 70 -24.70 -7.45 14.34
CA ASN B 70 -24.91 -8.63 15.19
C ASN B 70 -23.63 -9.29 15.72
N SER B 71 -22.49 -8.61 15.63
CA SER B 71 -21.23 -9.20 16.09
C SER B 71 -21.26 -9.52 17.58
N GLU B 74 -17.34 -7.02 20.25
CA GLU B 74 -17.11 -5.58 20.28
C GLU B 74 -16.75 -5.04 18.91
N ILE B 75 -17.46 -4.00 18.49
CA ILE B 75 -17.33 -3.45 17.15
C ILE B 75 -16.25 -2.37 17.08
N PRO B 76 -15.26 -2.54 16.18
CA PRO B 76 -14.21 -1.54 16.02
C PRO B 76 -14.75 -0.27 15.38
N GLU B 77 -14.00 0.84 15.53
CA GLU B 77 -14.43 2.13 15.03
C GLU B 77 -14.48 2.14 13.52
N PHE B 78 -15.41 2.90 12.96
CA PHE B 78 -15.40 3.14 11.52
C PHE B 78 -14.75 4.49 11.25
N PRO B 79 -13.52 4.47 10.68
CA PRO B 79 -12.72 5.68 10.54
C PRO B 79 -13.28 6.61 9.49
N ILE B 80 -13.51 7.86 9.86
CA ILE B 80 -13.93 8.89 8.90
C ILE B 80 -13.16 10.17 9.18
N ALA B 81 -12.29 10.54 8.26
CA ALA B 81 -11.63 11.82 8.31
C ALA B 81 -12.69 12.93 8.29
N PRO B 82 -12.57 13.91 9.21
CA PRO B 82 -13.49 15.05 9.27
C PRO B 82 -13.60 15.79 7.94
N GLU B 83 -12.55 15.72 7.13
CA GLU B 83 -12.47 16.37 5.82
C GLU B 83 -13.44 15.78 4.77
N ILE B 84 -13.82 14.53 4.95
CA ILE B 84 -14.75 13.89 4.01
C ILE B 84 -16.18 13.75 4.58
N ALA B 85 -16.34 14.08 5.86
CA ALA B 85 -17.56 13.76 6.60
C ALA B 85 -18.85 14.35 6.05
N LEU B 86 -18.83 15.63 5.67
CA LEU B 86 -20.02 16.30 5.14
C LEU B 86 -20.48 15.72 3.80
N GLU B 87 -19.52 15.52 2.90
CA GLU B 87 -19.75 14.85 1.62
C GLU B 87 -20.27 13.44 1.81
N LEU B 88 -19.72 12.75 2.82
CA LEU B 88 -20.11 11.38 3.15
C LEU B 88 -21.55 11.34 3.69
N LEU B 89 -21.88 12.32 4.53
CA LEU B 89 -23.21 12.50 5.09
C LEU B 89 -24.24 12.65 3.96
N MET B 90 -23.97 13.58 3.06
CA MET B 90 -24.81 13.82 1.90
C MET B 90 -24.98 12.57 1.08
N ALA B 91 -23.87 11.89 0.76
CA ALA B 91 -23.88 10.65 -0.01
C ALA B 91 -24.70 9.56 0.68
N ALA B 92 -24.43 9.32 1.97
CA ALA B 92 -25.18 8.32 2.74
C ALA B 92 -26.67 8.63 2.83
N ASN B 93 -27.03 9.89 3.00
CA ASN B 93 -28.43 10.30 2.94
C ASN B 93 -29.03 9.92 1.59
N PHE B 94 -28.40 10.36 0.50
CA PHE B 94 -28.86 10.00 -0.84
C PHE B 94 -28.99 8.49 -1.02
N LEU B 95 -28.02 7.74 -0.48
CA LEU B 95 -27.98 6.29 -0.63
C LEU B 95 -28.85 5.51 0.35
N ASP B 96 -29.39 6.21 1.35
CA ASP B 96 -30.26 5.62 2.37
C ASP B 96 -29.57 4.47 3.11
N CYS B 97 -28.44 4.78 3.75
CA CYS B 97 -27.70 3.78 4.52
C CYS B 97 -26.97 4.37 5.73
N MET C 1 6.78 -2.91 19.01
CA MET C 1 7.76 -3.59 18.13
C MET C 1 8.06 -2.77 16.88
N ASP C 2 9.23 -2.98 16.29
CA ASP C 2 9.73 -2.14 15.20
C ASP C 2 8.95 -2.33 13.91
N VAL C 3 8.86 -1.23 13.17
CA VAL C 3 8.07 -1.16 11.96
C VAL C 3 8.91 -0.46 10.89
N PHE C 4 8.93 -1.03 9.69
CA PHE C 4 9.79 -0.56 8.62
C PHE C 4 8.98 -0.11 7.41
N LEU C 5 9.32 1.07 6.91
CA LEU C 5 8.45 1.81 6.02
C LEU C 5 9.16 2.35 4.79
N MET C 6 8.39 2.49 3.72
CA MET C 6 8.77 3.27 2.58
C MET C 6 7.76 4.39 2.51
N ILE C 7 8.22 5.61 2.79
CA ILE C 7 7.40 6.80 2.65
C ILE C 7 7.60 7.28 1.22
N ARG C 8 6.53 7.24 0.44
CA ARG C 8 6.63 7.43 -1.00
C ARG C 8 5.78 8.59 -1.50
N ARG C 9 6.39 9.41 -2.34
CA ARG C 9 5.69 10.46 -3.08
C ARG C 9 6.38 10.61 -4.41
N HIS C 10 5.61 10.62 -5.49
CA HIS C 10 6.13 10.76 -6.83
C HIS C 10 7.27 9.75 -7.04
N LYS C 11 8.49 10.25 -7.28
CA LYS C 11 9.68 9.41 -7.53
C LYS C 11 10.63 9.37 -6.33
N THR C 12 10.14 9.81 -5.17
CA THR C 12 10.93 9.83 -3.93
C THR C 12 10.48 8.74 -2.96
N THR C 13 11.43 7.93 -2.52
CA THR C 13 11.16 6.91 -1.52
C THR C 13 12.08 7.11 -0.32
N ILE C 14 11.48 7.38 0.84
CA ILE C 14 12.23 7.46 2.09
C ILE C 14 12.10 6.12 2.81
N PHE C 15 13.24 5.43 2.95
CA PHE C 15 13.32 4.24 3.78
C PHE C 15 13.58 4.68 5.20
N THR C 16 12.59 4.50 6.06
CA THR C 16 12.71 4.85 7.47
C THR C 16 12.03 3.81 8.34
N ASP C 17 12.17 3.96 9.66
CA ASP C 17 11.61 3.01 10.59
C ASP C 17 11.04 3.71 11.80
N ALA C 18 10.06 3.09 12.44
CA ALA C 18 9.47 3.62 13.64
C ALA C 18 8.97 2.44 14.46
N LYS C 19 8.02 2.70 15.36
CA LYS C 19 7.43 1.61 16.14
C LYS C 19 5.92 1.56 15.93
N GLU C 20 5.31 0.42 16.27
CA GLU C 20 3.85 0.29 16.25
C GLU C 20 3.18 1.36 17.11
N SER C 21 3.84 1.73 18.21
CA SER C 21 3.34 2.76 19.11
C SER C 21 3.72 4.20 18.71
N SER C 22 4.53 4.37 17.66
CA SER C 22 4.74 5.71 17.09
C SER C 22 3.44 6.26 16.52
N THR C 23 3.22 7.57 16.69
CA THR C 23 2.06 8.24 16.10
C THR C 23 2.34 8.58 14.64
N VAL C 24 1.28 8.88 13.89
CA VAL C 24 1.41 9.37 12.52
C VAL C 24 2.18 10.70 12.46
N PHE C 25 1.95 11.55 13.45
CA PHE C 25 2.63 12.83 13.56
C PHE C 25 4.16 12.66 13.64
N GLU C 26 4.61 11.59 14.29
CA GLU C 26 6.05 11.29 14.36
C GLU C 26 6.66 11.07 12.98
N LEU C 27 5.97 10.32 12.12
CA LEU C 27 6.39 10.13 10.72
C LEU C 27 6.46 11.43 9.94
N LYS C 28 5.56 12.36 10.24
CA LYS C 28 5.57 13.69 9.62
C LYS C 28 6.80 14.47 10.04
N ARG C 29 7.23 14.28 11.28
CA ARG C 29 8.44 14.94 11.78
C ARG C 29 9.68 14.38 11.13
N ILE C 30 9.67 13.07 10.84
CA ILE C 30 10.74 12.41 10.08
C ILE C 30 10.83 12.99 8.65
N VAL C 31 9.70 13.11 7.98
CA VAL C 31 9.65 13.73 6.66
C VAL C 31 10.18 15.16 6.70
N GLU C 32 9.79 15.93 7.71
CA GLU C 32 10.23 17.31 7.85
C GLU C 32 11.75 17.43 7.96
N GLY C 33 12.38 16.50 8.68
CA GLY C 33 13.83 16.49 8.85
C GLY C 33 14.58 16.26 7.55
N ILE C 34 13.92 15.57 6.63
CA ILE C 34 14.52 15.18 5.35
C ILE C 34 14.08 16.10 4.20
N LEU C 35 12.79 16.40 4.12
CA LEU C 35 12.23 17.16 3.00
C LEU C 35 11.96 18.64 3.32
N LYS C 36 12.12 18.99 4.59
CA LYS C 36 11.98 20.38 5.08
C LYS C 36 10.58 20.98 4.92
N ARG C 37 9.58 20.13 4.94
CA ARG C 37 8.19 20.57 4.90
C ARG C 37 7.56 20.25 6.25
N PRO C 38 6.93 21.26 6.89
CA PRO C 38 6.37 21.06 8.22
C PRO C 38 5.17 20.10 8.19
N PRO C 39 4.90 19.40 9.31
CA PRO C 39 3.85 18.39 9.38
C PRO C 39 2.49 18.89 8.88
N ASP C 40 2.20 20.17 9.07
CA ASP C 40 0.91 20.73 8.66
C ASP C 40 0.81 21.03 7.17
N GLU C 41 1.89 20.76 6.44
CA GLU C 41 1.88 20.83 4.97
C GLU C 41 1.97 19.43 4.37
N GLN C 42 1.67 18.42 5.19
CA GLN C 42 1.75 17.02 4.81
C GLN C 42 0.45 16.28 5.03
N ARG C 43 0.15 15.36 4.11
CA ARG C 43 -0.89 14.35 4.29
C ARG C 43 -0.26 12.98 4.13
N LEU C 44 -0.42 12.13 5.15
CA LEU C 44 0.03 10.74 5.07
C LEU C 44 -1.15 9.81 4.81
N TYR C 45 -0.93 8.83 3.93
CA TYR C 45 -1.97 7.89 3.48
C TYR C 45 -1.52 6.44 3.61
N LYS C 46 -2.45 5.56 3.97
CA LYS C 46 -2.28 4.11 3.86
C LYS C 46 -3.44 3.50 3.10
N ASP C 47 -3.12 2.82 1.99
CA ASP C 47 -4.11 2.22 1.10
C ASP C 47 -5.16 3.22 0.64
N ASP C 48 -4.70 4.39 0.17
CA ASP C 48 -5.57 5.45 -0.35
C ASP C 48 -6.50 6.01 0.73
N GLN C 49 -6.15 5.81 1.99
CA GLN C 49 -6.95 6.29 3.11
C GLN C 49 -6.13 7.25 3.97
N LEU C 50 -6.74 8.36 4.32
CA LEU C 50 -6.07 9.41 5.06
C LEU C 50 -5.76 8.97 6.49
N LEU C 51 -4.56 9.29 6.96
CA LEU C 51 -4.12 8.93 8.30
C LEU C 51 -4.24 10.09 9.29
N ASP C 52 -4.88 9.82 10.42
CA ASP C 52 -5.01 10.80 11.47
C ASP C 52 -3.71 10.89 12.26
N ASP C 53 -3.28 12.12 12.57
CA ASP C 53 -2.00 12.41 13.25
C ASP C 53 -1.87 11.78 14.64
N GLY C 54 -2.99 11.68 15.35
CA GLY C 54 -2.99 11.17 16.72
C GLY C 54 -2.93 9.66 16.85
N LYS C 55 -3.26 8.94 15.76
CA LYS C 55 -3.29 7.48 15.79
C LYS C 55 -1.88 6.93 15.82
N THR C 56 -1.71 5.76 16.42
CA THR C 56 -0.46 5.04 16.32
C THR C 56 -0.40 4.30 14.98
N LEU C 57 0.81 3.93 14.58
CA LEU C 57 1.01 3.21 13.34
C LEU C 57 0.37 1.83 13.39
N GLY C 58 0.37 1.22 14.56
CA GLY C 58 -0.32 -0.05 14.81
C GLY C 58 -1.81 0.05 14.53
N GLU C 59 -2.43 1.12 15.01
CA GLU C 59 -3.85 1.39 14.74
C GLU C 59 -4.12 1.61 13.26
N CYS C 60 -3.09 2.05 12.52
CA CYS C 60 -3.21 2.36 11.10
C CYS C 60 -2.92 1.18 10.18
N GLY C 61 -2.57 0.03 10.75
CA GLY C 61 -2.29 -1.16 9.96
C GLY C 61 -0.82 -1.46 9.71
N PHE C 62 0.06 -0.71 10.36
CA PHE C 62 1.50 -1.01 10.31
C PHE C 62 1.91 -1.83 11.52
N THR C 63 1.92 -3.15 11.36
CA THR C 63 2.38 -4.06 12.42
C THR C 63 3.77 -4.60 12.10
N SER C 64 4.44 -5.12 13.13
CA SER C 64 5.80 -5.63 13.01
C SER C 64 5.93 -6.86 12.10
N GLN C 65 4.85 -7.61 11.95
CA GLN C 65 4.77 -8.72 11.00
C GLN C 65 4.47 -8.23 9.59
N THR C 66 3.83 -7.08 9.50
CA THR C 66 3.40 -6.49 8.23
C THR C 66 4.52 -5.66 7.59
N ALA C 67 5.26 -4.94 8.43
CA ALA C 67 6.22 -3.96 7.96
C ALA C 67 7.66 -4.37 8.29
N ARG C 68 8.23 -5.24 7.46
CA ARG C 68 9.55 -5.86 7.69
C ARG C 68 10.67 -5.11 6.97
N PRO C 69 11.93 -5.29 7.41
CA PRO C 69 13.08 -4.73 6.69
C PRO C 69 13.23 -5.25 5.26
N GLN C 70 12.97 -6.55 5.07
CA GLN C 70 13.05 -7.23 3.77
C GLN C 70 11.83 -6.97 2.88
N ALA C 71 10.79 -6.39 3.46
CA ALA C 71 9.50 -6.22 2.79
C ALA C 71 8.72 -5.14 3.53
N PRO C 72 9.12 -3.87 3.35
CA PRO C 72 8.51 -2.80 4.15
C PRO C 72 7.16 -2.34 3.62
N ALA C 73 6.40 -1.70 4.49
CA ALA C 73 5.09 -1.17 4.14
C ALA C 73 5.22 0.24 3.60
N THR C 74 4.44 0.55 2.57
CA THR C 74 4.37 1.90 2.01
C THR C 74 3.42 2.82 2.81
N VAL C 75 3.89 4.04 3.04
CA VAL C 75 3.08 5.17 3.49
C VAL C 75 3.11 6.19 2.34
N GLY C 76 1.95 6.70 1.96
CA GLY C 76 1.87 7.69 0.89
C GLY C 76 1.96 9.11 1.45
N LEU C 77 2.66 9.98 0.73
CA LEU C 77 2.83 11.37 1.16
C LEU C 77 2.30 12.34 0.09
N ALA C 78 1.44 13.27 0.51
CA ALA C 78 0.97 14.34 -0.35
C ALA C 78 1.25 15.70 0.28
N PHE C 79 1.81 16.62 -0.51
CA PHE C 79 2.16 17.96 -0.03
C PHE C 79 1.10 19.01 -0.33
N ARG C 80 1.12 20.06 0.46
CA ARG C 80 0.24 21.22 0.27
C ARG C 80 0.94 22.24 -0.64
N ALA C 81 0.16 22.96 -1.44
CA ALA C 81 0.69 24.04 -2.28
C ALA C 81 0.07 25.39 -1.99
N ASP C 82 0.78 26.20 -1.20
CA ASP C 82 0.39 27.58 -0.88
C ASP C 82 -1.04 27.77 -0.35
N THR C 84 -3.82 24.54 -1.09
CA THR C 84 -4.50 23.28 -0.76
C THR C 84 -3.61 22.07 -1.03
N PHE C 85 -4.13 20.88 -0.72
CA PHE C 85 -3.39 19.63 -0.88
C PHE C 85 -3.51 18.98 -2.25
N GLU C 86 -2.37 18.57 -2.79
CA GLU C 86 -2.30 17.80 -4.04
C GLU C 86 -2.86 16.40 -3.80
N ALA C 87 -3.30 15.76 -4.89
CA ALA C 87 -3.76 14.37 -4.82
C ALA C 87 -2.57 13.43 -4.59
N LEU C 88 -2.83 12.27 -3.98
CA LEU C 88 -1.78 11.30 -3.73
C LEU C 88 -1.24 10.78 -5.05
N CYS C 89 0.06 11.02 -5.28
CA CYS C 89 0.68 10.61 -6.52
C CYS C 89 1.98 9.88 -6.24
N ILE C 90 1.99 8.58 -6.54
CA ILE C 90 3.15 7.71 -6.35
C ILE C 90 3.50 7.01 -7.66
N GLU C 91 4.71 7.25 -8.15
CA GLU C 91 5.21 6.57 -9.35
C GLU C 91 5.53 5.11 -9.02
N PRO C 92 5.15 4.18 -9.91
CA PRO C 92 5.62 2.81 -9.74
C PRO C 92 7.12 2.72 -10.01
N PHE C 93 7.78 1.75 -9.38
CA PHE C 93 9.11 1.32 -9.79
C PHE C 93 8.99 0.69 -11.17
N SER C 94 10.12 0.61 -11.88
CA SER C 94 10.19 -0.07 -13.17
C SER C 94 9.64 -1.49 -13.06
N SER C 95 9.15 -2.01 -14.20
CA SER C 95 8.58 -3.36 -14.26
C SER C 95 9.67 -4.42 -14.29
N PRO C 96 9.60 -5.43 -13.39
CA PRO C 96 10.57 -6.52 -13.44
C PRO C 96 10.49 -7.28 -14.77
N PRO C 97 11.66 -7.72 -15.30
CA PRO C 97 11.65 -8.54 -16.51
C PRO C 97 10.90 -9.84 -16.25
N GLU C 98 10.57 -10.58 -17.31
CA GLU C 98 9.86 -11.84 -17.13
C GLU C 98 10.53 -13.00 -17.85
N MET D 2 23.19 12.36 8.07
CA MET D 2 22.47 11.15 8.61
C MET D 2 21.83 10.32 7.48
N TYR D 3 21.17 10.99 6.53
CA TYR D 3 20.56 10.31 5.40
C TYR D 3 21.35 10.54 4.11
N VAL D 4 21.30 9.58 3.19
CA VAL D 4 21.87 9.74 1.85
C VAL D 4 20.86 9.44 0.73
N LYS D 5 21.04 10.10 -0.40
CA LYS D 5 20.14 9.96 -1.53
C LYS D 5 20.81 9.19 -2.66
N LEU D 6 20.21 8.06 -3.05
CA LEU D 6 20.68 7.28 -4.18
C LEU D 6 19.66 7.41 -5.31
N ILE D 7 20.16 7.65 -6.53
CA ILE D 7 19.29 7.89 -7.68
C ILE D 7 19.44 6.75 -8.68
N SER D 8 18.32 6.13 -9.05
CA SER D 8 18.29 5.03 -10.02
C SER D 8 18.43 5.56 -11.45
N SER D 9 18.63 4.64 -12.39
CA SER D 9 18.76 5.02 -13.81
C SER D 9 17.49 5.63 -14.37
N ASP D 10 16.34 5.25 -13.82
CA ASP D 10 15.06 5.78 -14.27
C ASP D 10 14.56 6.95 -13.41
N GLY D 11 15.46 7.50 -12.60
CA GLY D 11 15.22 8.76 -11.90
C GLY D 11 14.53 8.70 -10.55
N HIS D 12 14.38 7.51 -9.98
CA HIS D 12 13.82 7.37 -8.63
C HIS D 12 14.86 7.76 -7.57
N GLU D 13 14.44 8.55 -6.58
CA GLU D 13 15.28 8.94 -5.46
C GLU D 13 15.04 8.03 -4.26
N PHE D 14 16.10 7.40 -3.78
CA PHE D 14 16.01 6.55 -2.60
C PHE D 14 16.81 7.15 -1.46
N ILE D 15 16.09 7.51 -0.40
CA ILE D 15 16.69 8.19 0.74
C ILE D 15 16.81 7.22 1.92
N VAL D 16 18.06 6.83 2.19
CA VAL D 16 18.39 5.88 3.24
C VAL D 16 19.34 6.50 4.28
N LYS D 17 19.27 6.02 5.51
CA LYS D 17 20.24 6.40 6.54
C LYS D 17 21.65 6.08 6.06
N ARG D 18 22.58 7.01 6.29
CA ARG D 18 23.97 6.88 5.87
C ARG D 18 24.62 5.58 6.34
N GLU D 19 24.46 5.27 7.62
CA GLU D 19 25.04 4.08 8.24
C GLU D 19 24.62 2.78 7.57
N HIS D 20 23.37 2.72 7.14
CA HIS D 20 22.83 1.55 6.47
C HIS D 20 23.42 1.41 5.06
N ALA D 21 23.50 2.54 4.36
CA ALA D 21 24.10 2.62 3.03
C ALA D 21 25.58 2.21 3.04
N LEU D 22 26.26 2.42 4.17
CA LEU D 22 27.68 2.05 4.32
C LEU D 22 27.91 0.55 4.19
N THR D 23 26.83 -0.22 4.20
CA THR D 23 26.83 -1.65 3.91
C THR D 23 27.44 -1.91 2.52
N SER D 24 27.21 -0.98 1.61
CA SER D 24 27.78 -1.02 0.27
C SER D 24 29.20 -0.45 0.32
N GLY D 25 30.17 -1.24 -0.17
CA GLY D 25 31.57 -0.84 -0.17
C GLY D 25 31.82 0.29 -1.15
N THR D 26 31.09 0.27 -2.26
CA THR D 26 31.17 1.28 -3.31
C THR D 26 30.71 2.65 -2.80
N ILE D 27 29.50 2.69 -2.22
CA ILE D 27 28.97 3.90 -1.60
C ILE D 27 29.87 4.39 -0.45
N LYS D 28 30.35 3.46 0.38
CA LYS D 28 31.29 3.80 1.45
C LYS D 28 32.55 4.48 0.89
N ALA D 29 32.99 4.01 -0.28
CA ALA D 29 34.10 4.67 -0.99
C ALA D 29 33.67 6.00 -1.61
N MET D 30 32.46 6.07 -2.16
CA MET D 30 31.90 7.31 -2.69
C MET D 30 31.93 8.42 -1.63
N LEU D 31 31.44 8.11 -0.43
CA LEU D 31 31.31 9.10 0.64
C LEU D 31 32.58 9.33 1.46
N SER D 32 33.66 8.63 1.11
CA SER D 32 34.96 8.85 1.75
C SER D 32 35.90 9.60 0.82
N ASN D 43 24.68 12.91 1.48
CA ASN D 43 24.69 13.49 0.14
C ASN D 43 24.09 12.56 -0.93
N GLU D 44 24.32 12.92 -2.19
CA GLU D 44 23.69 12.28 -3.34
C GLU D 44 24.65 11.29 -4.01
N VAL D 45 24.10 10.19 -4.55
CA VAL D 45 24.86 9.22 -5.34
C VAL D 45 24.01 8.77 -6.52
N ASN D 46 24.59 8.76 -7.71
CA ASN D 46 23.86 8.53 -8.95
C ASN D 46 24.20 7.20 -9.59
N PHE D 47 23.18 6.37 -9.82
CA PHE D 47 23.38 5.06 -10.43
C PHE D 47 22.65 4.94 -11.76
N ARG D 48 23.32 5.43 -12.80
CA ARG D 48 22.86 5.36 -14.19
C ARG D 48 22.64 3.94 -14.69
N GLU D 49 23.16 2.96 -13.95
CA GLU D 49 23.11 1.57 -14.38
C GLU D 49 21.94 0.81 -13.75
N ILE D 50 21.56 1.21 -12.53
CA ILE D 50 20.66 0.41 -11.70
C ILE D 50 19.22 0.97 -11.68
N PRO D 51 18.25 0.19 -12.17
CA PRO D 51 16.84 0.63 -12.20
C PRO D 51 16.13 0.55 -10.83
N SER D 52 15.03 1.30 -10.70
CA SER D 52 14.17 1.36 -9.50
C SER D 52 13.90 0.03 -8.82
N HIS D 53 13.43 -0.95 -9.59
CA HIS D 53 12.94 -2.20 -9.02
C HIS D 53 14.08 -3.00 -8.39
N VAL D 54 15.29 -2.75 -8.87
CA VAL D 54 16.50 -3.34 -8.32
C VAL D 54 17.02 -2.50 -7.13
N LEU D 55 17.20 -1.18 -7.34
CA LEU D 55 17.75 -0.29 -6.31
C LEU D 55 16.91 -0.28 -5.03
N SER D 56 15.59 -0.40 -5.18
CA SER D 56 14.72 -0.56 -4.00
C SER D 56 15.05 -1.83 -3.20
N LYS D 57 15.24 -2.97 -3.87
CA LYS D 57 15.64 -4.22 -3.18
C LYS D 57 16.98 -4.13 -2.46
N VAL D 58 17.93 -3.41 -3.07
CA VAL D 58 19.23 -3.20 -2.46
C VAL D 58 19.07 -2.47 -1.10
N CYS D 59 18.29 -1.38 -1.09
CA CYS D 59 18.05 -0.63 0.14
C CYS D 59 17.35 -1.45 1.22
N MET D 60 16.45 -2.35 0.82
CA MET D 60 15.81 -3.25 1.77
C MET D 60 16.86 -4.21 2.35
N TYR D 61 17.82 -4.61 1.51
CA TYR D 61 18.95 -5.42 2.00
C TYR D 61 19.78 -4.70 3.07
N PHE D 62 20.10 -3.44 2.85
CA PHE D 62 20.88 -2.65 3.82
C PHE D 62 20.27 -2.77 5.22
N THR D 63 18.97 -2.49 5.30
CA THR D 63 18.23 -2.48 6.58
C THR D 63 18.14 -3.88 7.16
N TYR D 64 17.88 -4.84 6.28
CA TYR D 64 17.81 -6.26 6.60
C TYR D 64 19.13 -6.74 7.21
N LYS D 65 20.24 -6.45 6.53
CA LYS D 65 21.58 -6.80 7.01
C LYS D 65 21.92 -6.16 8.36
N VAL D 66 21.65 -4.88 8.51
CA VAL D 66 21.95 -4.17 9.75
C VAL D 66 21.12 -4.73 10.94
N ARG D 67 19.87 -5.11 10.66
CA ARG D 67 18.98 -5.71 11.65
C ARG D 67 19.44 -7.07 12.14
N TYR D 68 19.74 -7.96 11.19
CA TYR D 68 19.91 -9.37 11.52
C TYR D 68 21.35 -9.84 11.60
N THR D 69 22.28 -8.93 11.40
CA THR D 69 23.70 -9.24 11.57
C THR D 69 23.96 -9.42 13.07
N ASN D 70 24.58 -10.54 13.42
CA ASN D 70 24.78 -10.94 14.84
C ASN D 70 23.48 -11.22 15.61
N SER D 71 22.47 -11.76 14.91
CA SER D 71 21.19 -12.10 15.53
C SER D 71 21.27 -13.40 16.34
N SER D 72 20.51 -13.47 17.43
CA SER D 72 20.51 -14.61 18.34
C SER D 72 19.77 -15.82 17.77
N THR D 73 18.57 -15.60 17.26
CA THR D 73 17.73 -16.64 16.67
C THR D 73 17.96 -16.77 15.17
N GLU D 74 17.17 -17.62 14.52
CA GLU D 74 17.23 -17.80 13.06
C GLU D 74 16.76 -16.54 12.35
N ILE D 75 17.46 -16.20 11.28
CA ILE D 75 17.19 -15.01 10.48
C ILE D 75 16.08 -15.31 9.45
N PRO D 76 15.13 -14.37 9.28
CA PRO D 76 14.09 -14.55 8.27
C PRO D 76 14.63 -14.49 6.83
N GLU D 77 13.95 -15.16 5.92
CA GLU D 77 14.33 -15.19 4.51
C GLU D 77 14.28 -13.80 3.89
N PHE D 78 15.24 -13.53 3.02
CA PHE D 78 15.23 -12.30 2.24
C PHE D 78 14.57 -12.62 0.90
N PRO D 79 13.35 -12.09 0.66
CA PRO D 79 12.61 -12.50 -0.53
C PRO D 79 13.20 -11.83 -1.76
N ILE D 80 13.47 -12.65 -2.77
CA ILE D 80 13.97 -12.17 -4.05
C ILE D 80 13.23 -12.90 -5.15
N ALA D 81 12.42 -12.16 -5.91
CA ALA D 81 11.77 -12.71 -7.10
C ALA D 81 12.86 -13.15 -8.09
N PRO D 82 12.83 -14.41 -8.53
CA PRO D 82 13.75 -14.89 -9.58
C PRO D 82 13.84 -13.95 -10.80
N GLU D 83 12.74 -13.27 -11.12
CA GLU D 83 12.69 -12.27 -12.21
C GLU D 83 13.75 -11.18 -12.08
N ILE D 84 14.02 -10.74 -10.86
CA ILE D 84 14.98 -9.65 -10.64
C ILE D 84 16.37 -10.13 -10.21
N ALA D 85 16.50 -11.44 -9.97
CA ALA D 85 17.72 -12.03 -9.39
C ALA D 85 19.01 -11.69 -10.14
N LEU D 86 19.01 -11.85 -11.47
CA LEU D 86 20.23 -11.55 -12.25
C LEU D 86 20.63 -10.07 -12.20
N GLU D 87 19.65 -9.19 -12.37
CA GLU D 87 19.88 -7.76 -12.20
C GLU D 87 20.37 -7.41 -10.80
N LEU D 88 19.77 -8.05 -9.79
CA LEU D 88 20.14 -7.85 -8.39
C LEU D 88 21.59 -8.25 -8.17
N LEU D 89 21.98 -9.41 -8.73
CA LEU D 89 23.35 -9.91 -8.68
C LEU D 89 24.33 -8.87 -9.20
N MET D 90 24.06 -8.36 -10.41
CA MET D 90 24.93 -7.38 -11.08
C MET D 90 25.02 -6.08 -10.28
N ALA D 91 23.87 -5.65 -9.74
CA ALA D 91 23.79 -4.46 -8.90
C ALA D 91 24.56 -4.65 -7.61
N ALA D 92 24.40 -5.83 -6.99
CA ALA D 92 25.06 -6.13 -5.72
C ALA D 92 26.58 -6.15 -5.91
N ASN D 93 27.02 -6.72 -7.04
CA ASN D 93 28.43 -6.74 -7.41
C ASN D 93 29.00 -5.32 -7.56
N PHE D 94 28.35 -4.49 -8.37
CA PHE D 94 28.80 -3.11 -8.57
C PHE D 94 28.85 -2.33 -7.26
N LEU D 95 27.89 -2.59 -6.39
CA LEU D 95 27.77 -1.90 -5.13
C LEU D 95 28.66 -2.47 -4.03
N ASP D 96 29.23 -3.65 -4.28
CA ASP D 96 30.07 -4.35 -3.31
C ASP D 96 29.33 -4.64 -1.99
N CYS D 97 28.20 -5.35 -2.09
CA CYS D 97 27.45 -5.76 -0.88
C CYS D 97 26.83 -7.18 -0.95
N ASN E 3 25.28 -16.46 12.52
CA ASN E 3 25.00 -15.11 13.19
C ASN E 3 24.16 -14.04 12.41
N LYS E 4 24.06 -14.07 11.04
CA LYS E 4 25.18 -13.60 10.17
C LYS E 4 24.61 -13.61 8.76
N VAL E 5 24.44 -12.41 8.20
CA VAL E 5 23.67 -12.22 6.99
C VAL E 5 24.53 -12.33 5.73
N GLY E 6 24.15 -13.28 4.85
CA GLY E 6 24.86 -13.52 3.62
C GLY E 6 24.87 -12.30 2.72
N SER E 7 25.91 -12.19 1.90
CA SER E 7 26.03 -11.04 0.98
C SER E 7 24.89 -11.04 -0.02
N LEU E 8 24.50 -9.84 -0.45
CA LEU E 8 23.41 -9.73 -1.42
C LEU E 8 23.73 -10.50 -2.72
N GLN E 9 25.01 -10.55 -3.10
CA GLN E 9 25.44 -11.33 -4.27
C GLN E 9 25.18 -12.83 -4.11
N TYR E 10 25.59 -13.39 -2.97
CA TYR E 10 25.23 -14.77 -2.61
C TYR E 10 23.70 -15.02 -2.64
N LEU E 11 22.93 -14.12 -2.01
CA LEU E 11 21.47 -14.28 -1.96
C LEU E 11 20.85 -14.24 -3.35
N ALA E 12 21.26 -13.26 -4.17
CA ALA E 12 20.76 -13.15 -5.54
C ALA E 12 21.05 -14.40 -6.38
N LEU E 13 22.27 -14.94 -6.27
CA LEU E 13 22.64 -16.16 -6.99
C LEU E 13 21.89 -17.39 -6.48
N ALA E 14 21.69 -17.48 -5.16
CA ALA E 14 20.84 -18.53 -4.58
C ALA E 14 19.42 -18.47 -5.14
N ALA E 15 18.89 -17.27 -5.35
CA ALA E 15 17.55 -17.06 -5.93
C ALA E 15 17.50 -17.51 -7.39
N LEU E 16 18.63 -17.41 -8.07
CA LEU E 16 18.78 -17.88 -9.43
C LEU E 16 18.91 -19.41 -9.49
N ILE E 17 19.36 -20.01 -8.39
CA ILE E 17 19.73 -21.41 -8.36
C ILE E 17 18.65 -22.37 -7.80
N LYS E 18 17.75 -21.83 -6.99
CA LYS E 18 16.65 -22.61 -6.40
C LYS E 18 15.79 -23.28 -7.47
N PRO E 19 15.89 -24.62 -7.61
CA PRO E 19 15.17 -25.34 -8.65
C PRO E 19 13.79 -25.84 -8.17
N ASN F 3 -24.47 -6.36 19.35
CA ASN F 3 -23.73 -5.23 18.72
C ASN F 3 -24.36 -4.85 17.38
N LYS F 4 -24.64 -3.56 17.21
CA LYS F 4 -25.32 -3.07 16.03
C LYS F 4 -24.58 -1.88 15.42
N VAL F 5 -24.27 -1.97 14.14
CA VAL F 5 -23.52 -0.94 13.43
C VAL F 5 -24.41 0.29 13.14
N GLY F 6 -23.90 1.46 13.49
CA GLY F 6 -24.60 2.71 13.26
C GLY F 6 -24.75 3.01 11.78
N SER F 7 -25.84 3.69 11.41
CA SER F 7 -26.01 4.12 10.02
C SER F 7 -24.90 5.08 9.63
N LEU F 8 -24.51 5.05 8.36
CA LEU F 8 -23.41 5.87 7.88
C LEU F 8 -23.68 7.38 8.04
N GLN F 9 -24.94 7.78 8.00
CA GLN F 9 -25.30 9.18 8.18
C GLN F 9 -24.95 9.63 9.59
N TYR F 10 -25.29 8.79 10.57
CA TYR F 10 -24.99 9.04 11.97
C TYR F 10 -23.46 9.09 12.20
N LEU F 11 -22.75 8.11 11.66
CA LEU F 11 -21.29 8.07 11.78
C LEU F 11 -20.63 9.29 11.13
N ALA F 12 -21.11 9.71 9.96
CA ALA F 12 -20.57 10.88 9.29
C ALA F 12 -20.80 12.17 10.09
N LEU F 13 -21.97 12.29 10.71
CA LEU F 13 -22.28 13.45 11.55
C LEU F 13 -21.42 13.46 12.81
N ALA F 14 -21.26 12.29 13.43
CA ALA F 14 -20.40 12.15 14.60
C ALA F 14 -18.95 12.55 14.28
N ALA F 15 -18.51 12.27 13.06
CA ALA F 15 -17.16 12.66 12.60
C ALA F 15 -17.02 14.18 12.40
N LEU F 16 -18.13 14.87 12.16
CA LEU F 16 -18.14 16.34 12.06
C LEU F 16 -18.14 16.99 13.44
N ILE F 17 -18.65 16.25 14.42
CA ILE F 17 -18.68 16.71 15.82
C ILE F 17 -17.28 16.64 16.44
N LYS F 18 -16.42 15.81 15.86
CA LYS F 18 -15.05 15.62 16.32
C LYS F 18 -14.05 16.36 15.43
#